data_3T4P
#
_entry.id   3T4P
#
_cell.length_a   115.300
_cell.length_b   61.930
_cell.length_c   43.440
_cell.angle_alpha   90.00
_cell.angle_beta   90.00
_cell.angle_gamma   90.00
#
_symmetry.space_group_name_H-M   'P 21 21 2'
#
loop_
_entity.id
_entity.type
_entity.pdbx_description
1 polymer 'O-acetyl serine sulfhydrylase'
2 polymer 'tetrapeptide DWSI'
3 non-polymer DI(HYDROXYETHYL)ETHER
4 non-polymer 'CHLORIDE ION'
5 water water
#
loop_
_entity_poly.entity_id
_entity_poly.type
_entity_poly.pdbx_seq_one_letter_code
_entity_poly.pdbx_strand_id
1 'polypeptide(L)'
;MAAPFDKSKNVAQSIDQLIGQTPALYLNKLNNTKAKVVLKMECENPMASV(LLP)DRLGFAIYDKAEKEGKLIPGKSIVV
ESSSGNTGVSLAHLGAIRGYKVIITMPESMSLERRCLLRIFGAEVILTPAALGMKGAVAMAKKIVAANPNAVLADQFATK
YNALIHEETTGPEIWEQTNHNVDCFIAGVGTGGTLTGVARALKKMGSHARIVAVEPTESPVLSGGKPGPHKIQGIGPGFV
PDVLDRSLIDEVLCVAGDDAIETALKLTRSDGVFCGFSGGANVYAALKIAERPEMEGKTIVTVIPSFGERYLSTTLYRSV
RDEVSSLPVALEHHHHHH
;
A
2 'polypeptide(L)' DWSI B
#
loop_
_chem_comp.id
_chem_comp.type
_chem_comp.name
_chem_comp.formula
CL non-polymer 'CHLORIDE ION' 'Cl -1'
PEG non-polymer DI(HYDROXYETHYL)ETHER 'C4 H10 O3'
#
# COMPACT_ATOMS: atom_id res chain seq x y z
N ALA A 2 9.97 -8.30 14.51
CA ALA A 2 9.67 -9.20 13.32
C ALA A 2 9.35 -10.67 13.67
N ALA A 3 10.30 -11.45 14.22
CA ALA A 3 11.70 -11.06 14.48
C ALA A 3 12.58 -11.13 13.18
N PRO A 4 13.71 -10.38 13.12
CA PRO A 4 14.60 -10.59 11.89
C PRO A 4 14.91 -12.10 11.59
N PHE A 5 14.94 -12.47 10.31
CA PHE A 5 14.95 -13.90 9.88
C PHE A 5 15.61 -13.77 8.45
N ASP A 6 16.89 -14.19 8.30
CA ASP A 6 17.62 -14.04 7.02
C ASP A 6 17.02 -15.11 6.11
N LYS A 7 16.21 -14.60 5.20
CA LYS A 7 15.51 -15.51 4.28
C LYS A 7 16.51 -16.12 3.32
N SER A 8 17.61 -15.41 3.09
CA SER A 8 18.56 -15.88 2.10
C SER A 8 19.39 -17.00 2.68
N LYS A 9 19.33 -17.21 3.99
CA LYS A 9 20.08 -18.32 4.60
C LYS A 9 19.33 -19.44 5.33
N ASN A 10 17.96 -19.43 5.37
CA ASN A 10 17.19 -20.38 6.14
C ASN A 10 16.02 -20.88 5.30
N VAL A 11 15.33 -21.90 5.74
CA VAL A 11 14.10 -22.38 4.97
C VAL A 11 12.87 -21.93 5.80
N ALA A 12 11.98 -21.15 5.20
CA ALA A 12 10.78 -20.68 5.93
C ALA A 12 9.84 -21.88 6.16
N GLN A 13 9.04 -21.83 7.24
CA GLN A 13 8.04 -22.91 7.48
C GLN A 13 6.75 -22.53 6.84
N SER A 14 6.54 -21.24 6.57
CA SER A 14 5.30 -20.84 5.83
C SER A 14 5.57 -19.56 5.03
N ILE A 15 4.78 -19.38 3.97
CA ILE A 15 5.03 -18.23 3.04
C ILE A 15 4.83 -16.91 3.73
N ASP A 16 4.06 -16.90 4.82
CA ASP A 16 3.95 -15.61 5.50
C ASP A 16 5.24 -15.09 6.16
N GLN A 17 6.25 -15.95 6.37
CA GLN A 17 7.53 -15.52 6.89
C GLN A 17 8.36 -14.80 5.81
N LEU A 18 7.94 -14.86 4.54
CA LEU A 18 8.63 -14.15 3.46
C LEU A 18 8.12 -12.67 3.34
N ILE A 19 7.05 -12.31 4.07
CA ILE A 19 6.47 -10.94 4.03
C ILE A 19 7.40 -9.92 4.73
N GLY A 20 7.49 -8.71 4.22
CA GLY A 20 8.41 -7.76 4.80
C GLY A 20 9.85 -8.10 4.56
N GLN A 21 10.76 -7.50 5.39
CA GLN A 21 12.19 -7.55 5.17
C GLN A 21 12.48 -7.42 3.67
N THR A 22 11.90 -6.35 3.08
CA THR A 22 12.07 -6.15 1.63
C THR A 22 13.38 -5.37 1.33
N PRO A 23 13.84 -5.41 0.06
CA PRO A 23 15.02 -4.62 -0.31
C PRO A 23 14.79 -3.15 -0.34
N ALA A 24 15.91 -2.40 -0.43
CA ALA A 24 15.88 -1.00 -0.58
C ALA A 24 16.91 -0.73 -1.69
N LEU A 25 16.57 0.27 -2.51
CA LEU A 25 17.27 0.49 -3.77
C LEU A 25 17.41 2.01 -4.04
N TYR A 26 18.62 2.43 -4.38
CA TYR A 26 18.82 3.84 -4.72
C TYR A 26 18.28 4.06 -6.11
N LEU A 27 17.62 5.20 -6.26
CA LEU A 27 17.20 5.70 -7.56
C LEU A 27 18.45 6.25 -8.24
N ASN A 28 18.68 5.88 -9.49
CA ASN A 28 20.00 6.22 -10.06
C ASN A 28 19.75 7.00 -11.33
N LYS A 29 19.54 6.37 -12.47
CA LYS A 29 19.50 7.17 -13.69
C LYS A 29 18.41 8.21 -13.65
N LEU A 30 17.25 7.90 -13.03
CA LEU A 30 16.20 8.88 -12.97
C LEU A 30 16.49 10.03 -12.03
N ASN A 31 17.44 9.85 -11.11
CA ASN A 31 17.75 10.86 -10.18
C ASN A 31 18.85 11.77 -10.69
N ASN A 32 18.41 12.90 -11.16
CA ASN A 32 19.34 13.93 -11.70
C ASN A 32 19.59 15.05 -10.69
N THR A 33 19.39 14.80 -9.38
CA THR A 33 19.40 15.90 -8.39
C THR A 33 20.60 15.73 -7.52
N LYS A 34 20.76 16.61 -6.54
CA LYS A 34 21.89 16.43 -5.58
C LYS A 34 21.52 15.75 -4.29
N ALA A 35 20.32 15.12 -4.28
CA ALA A 35 19.90 14.41 -3.06
C ALA A 35 19.93 12.89 -3.35
N LYS A 36 20.06 12.04 -2.32
CA LYS A 36 19.98 10.56 -2.52
C LYS A 36 18.49 10.26 -2.41
N VAL A 37 18.00 9.36 -3.24
CA VAL A 37 16.59 8.88 -3.12
C VAL A 37 16.63 7.39 -2.97
N VAL A 38 16.04 6.87 -1.90
CA VAL A 38 16.04 5.44 -1.60
C VAL A 38 14.60 4.90 -1.74
N LEU A 39 14.45 3.78 -2.44
CA LEU A 39 13.15 3.22 -2.70
C LEU A 39 13.03 1.97 -1.84
N LYS A 40 12.01 1.96 -0.97
CA LYS A 40 11.70 0.77 -0.15
C LYS A 40 10.81 -0.11 -1.02
N MET A 41 11.34 -1.28 -1.40
CA MET A 41 10.80 -2.10 -2.51
C MET A 41 9.68 -3.04 -2.06
N GLU A 42 8.55 -2.45 -1.67
CA GLU A 42 7.43 -3.27 -1.17
C GLU A 42 6.77 -4.10 -2.26
N CYS A 43 7.09 -3.74 -3.49
CA CYS A 43 6.73 -4.60 -4.64
C CYS A 43 7.31 -6.00 -4.53
N GLU A 44 8.35 -6.19 -3.68
CA GLU A 44 8.99 -7.50 -3.59
C GLU A 44 8.44 -8.46 -2.57
N ASN A 45 7.38 -8.02 -1.90
CA ASN A 45 6.59 -8.96 -1.04
C ASN A 45 6.05 -10.17 -1.79
N PRO A 46 5.71 -11.19 -1.05
CA PRO A 46 5.36 -12.43 -1.78
C PRO A 46 4.10 -12.36 -2.64
N MET A 47 3.12 -11.56 -2.28
CA MET A 47 1.99 -11.32 -3.19
C MET A 47 2.07 -9.94 -3.84
N ALA A 48 3.28 -9.40 -3.91
CA ALA A 48 3.66 -8.29 -4.81
C ALA A 48 3.10 -6.93 -4.39
N SER A 49 2.85 -6.75 -3.10
CA SER A 49 2.57 -5.37 -2.65
C SER A 49 2.68 -5.28 -1.15
N VAL A 50 2.69 -4.02 -0.73
CA VAL A 50 2.83 -3.63 0.68
C VAL A 50 1.63 -4.22 1.51
N1 LLP A 51 -0.08 1.98 -3.20
C2 LLP A 51 -0.70 0.75 -3.38
C2' LLP A 51 -0.56 0.10 -4.73
C3 LLP A 51 -1.40 0.16 -2.31
O3 LLP A 51 -1.97 -0.96 -2.44
C4 LLP A 51 -1.49 0.85 -1.08
C4' LLP A 51 -2.19 0.28 0.13
C5 LLP A 51 -0.84 2.10 -0.93
C6 LLP A 51 -0.11 2.66 -2.00
C5' LLP A 51 -0.99 2.87 0.32
OP4 LLP A 51 -0.36 2.39 1.54
P LLP A 51 -1.16 2.62 2.91
OP1 LLP A 51 -0.25 2.02 3.92
OP2 LLP A 51 -2.51 2.02 2.79
OP3 LLP A 51 -1.25 4.16 3.08
N LLP A 51 0.50 -4.51 0.86
CA LLP A 51 -0.67 -4.96 1.67
CB LLP A 51 -1.96 -5.03 0.78
CG LLP A 51 -2.42 -3.65 0.34
CD LLP A 51 -2.50 -2.65 1.58
CE LLP A 51 -3.39 -1.46 1.25
NZ LLP A 51 -2.93 -0.80 -0.13
C LLP A 51 -0.42 -6.30 2.28
O LLP A 51 -1.17 -6.72 3.18
N ASP A 52 0.63 -7.04 1.82
CA ASP A 52 0.96 -8.29 2.47
C ASP A 52 1.29 -8.06 3.97
N ARG A 53 1.86 -6.92 4.30
CA ARG A 53 2.17 -6.65 5.69
C ARG A 53 0.93 -6.41 6.48
N LEU A 54 0.00 -5.62 5.94
CA LEU A 54 -1.28 -5.44 6.63
C LEU A 54 -2.09 -6.74 6.76
N GLY A 55 -2.19 -7.50 5.67
CA GLY A 55 -2.85 -8.86 5.80
C GLY A 55 -2.32 -9.73 6.91
N PHE A 56 -1.03 -9.95 6.90
CA PHE A 56 -0.40 -10.70 7.97
C PHE A 56 -0.69 -10.10 9.32
N ALA A 57 -0.55 -8.81 9.45
CA ALA A 57 -0.76 -8.19 10.80
C ALA A 57 -2.21 -8.48 11.29
N ILE A 58 -3.18 -8.36 10.39
CA ILE A 58 -4.59 -8.58 10.80
C ILE A 58 -4.80 -10.06 11.21
N TYR A 59 -4.41 -11.01 10.34
CA TYR A 59 -4.56 -12.38 10.75
C TYR A 59 -3.78 -12.75 12.02
N ASP A 60 -2.51 -12.45 12.08
CA ASP A 60 -1.62 -12.80 13.20
C ASP A 60 -2.07 -12.15 14.50
N LYS A 61 -2.24 -10.83 14.46
CA LYS A 61 -2.53 -10.10 15.72
C LYS A 61 -3.93 -10.36 16.18
N ALA A 62 -4.92 -10.49 15.29
CA ALA A 62 -6.29 -10.75 15.73
C ALA A 62 -6.43 -12.16 16.31
N GLU A 63 -5.70 -13.12 15.73
CA GLU A 63 -5.78 -14.48 16.23
C GLU A 63 -5.17 -14.46 17.60
N LYS A 64 -4.00 -13.81 17.71
CA LYS A 64 -3.27 -13.80 19.01
C LYS A 64 -4.07 -13.14 20.12
N GLU A 65 -4.89 -12.17 19.77
CA GLU A 65 -5.72 -11.50 20.74
C GLU A 65 -7.01 -12.27 20.94
N GLY A 66 -7.22 -13.40 20.26
CA GLY A 66 -8.46 -14.15 20.40
C GLY A 66 -9.65 -13.71 19.58
N LYS A 67 -9.48 -12.71 18.71
CA LYS A 67 -10.60 -12.23 17.86
C LYS A 67 -10.84 -12.98 16.52
N LEU A 68 -9.89 -13.78 16.10
CA LEU A 68 -10.15 -14.60 14.93
C LEU A 68 -9.87 -16.02 15.32
N ILE A 69 -10.71 -16.93 14.84
CA ILE A 69 -10.54 -18.38 15.06
C ILE A 69 -10.71 -19.07 13.74
N PRO A 70 -9.60 -19.71 13.28
CA PRO A 70 -9.58 -20.33 11.98
C PRO A 70 -10.76 -21.30 11.86
N GLY A 71 -11.40 -21.38 10.67
CA GLY A 71 -12.54 -22.30 10.42
C GLY A 71 -13.87 -21.88 11.05
N LYS A 72 -13.85 -20.78 11.82
CA LYS A 72 -15.04 -20.19 12.41
C LYS A 72 -15.27 -18.74 11.87
N SER A 73 -14.24 -17.94 12.00
CA SER A 73 -14.36 -16.51 11.61
C SER A 73 -14.37 -16.45 10.11
N ILE A 74 -15.10 -15.46 9.61
CA ILE A 74 -15.18 -15.23 8.15
C ILE A 74 -14.59 -13.79 8.05
N VAL A 75 -13.56 -13.61 7.23
CA VAL A 75 -12.97 -12.24 7.11
C VAL A 75 -13.57 -11.56 5.89
N VAL A 76 -14.13 -10.37 6.09
CA VAL A 76 -14.85 -9.69 5.05
C VAL A 76 -14.18 -8.34 4.80
N GLU A 77 -14.05 -7.95 3.52
CA GLU A 77 -13.58 -6.59 3.25
C GLU A 77 -14.03 -6.11 1.90
N SER A 78 -14.22 -4.78 1.75
CA SER A 78 -14.56 -4.21 0.49
C SER A 78 -13.22 -3.73 -0.14
N SER A 79 -12.83 -4.30 -1.28
CA SER A 79 -11.55 -3.92 -1.89
C SER A 79 -11.53 -4.36 -3.30
N SER A 80 -11.27 -3.42 -4.19
CA SER A 80 -11.00 -3.81 -5.60
C SER A 80 -9.49 -3.72 -5.84
N GLY A 81 -8.69 -3.63 -4.78
CA GLY A 81 -7.18 -3.59 -5.00
C GLY A 81 -6.43 -4.58 -4.13
N ASN A 82 -5.26 -4.17 -3.68
CA ASN A 82 -4.34 -5.13 -3.12
C ASN A 82 -4.69 -5.70 -1.74
N THR A 83 -5.46 -4.95 -0.97
CA THR A 83 -5.88 -5.50 0.32
C THR A 83 -6.70 -6.77 0.17
N GLY A 84 -7.58 -6.81 -0.81
CA GLY A 84 -8.42 -7.97 -1.04
C GLY A 84 -7.52 -9.11 -1.48
N VAL A 85 -6.52 -8.80 -2.33
CA VAL A 85 -5.59 -9.90 -2.71
C VAL A 85 -4.86 -10.50 -1.51
N SER A 86 -4.22 -9.66 -0.68
CA SER A 86 -3.43 -10.15 0.42
C SER A 86 -4.35 -10.86 1.42
N LEU A 87 -5.55 -10.33 1.67
CA LEU A 87 -6.49 -11.02 2.58
C LEU A 87 -6.87 -12.36 2.03
N ALA A 88 -7.17 -12.43 0.73
CA ALA A 88 -7.57 -13.70 0.13
C ALA A 88 -6.39 -14.78 0.24
N HIS A 89 -5.18 -14.32 -0.15
CA HIS A 89 -3.97 -15.17 -0.16
C HIS A 89 -3.71 -15.77 1.25
N LEU A 90 -3.66 -14.93 2.30
CA LEU A 90 -3.33 -15.39 3.66
C LEU A 90 -4.53 -16.10 4.30
N GLY A 91 -5.74 -15.72 3.92
CA GLY A 91 -6.87 -16.40 4.54
C GLY A 91 -6.89 -17.87 4.15
N ALA A 92 -6.54 -18.12 2.90
CA ALA A 92 -6.50 -19.48 2.36
C ALA A 92 -5.53 -20.35 3.15
N ILE A 93 -4.36 -19.86 3.39
CA ILE A 93 -3.39 -20.73 4.01
C ILE A 93 -3.57 -20.75 5.50
N ARG A 94 -4.51 -19.96 6.02
CA ARG A 94 -4.71 -19.94 7.46
C ARG A 94 -6.00 -20.55 7.84
N GLY A 95 -6.75 -20.96 6.85
CA GLY A 95 -7.98 -21.68 7.11
C GLY A 95 -9.06 -20.71 7.57
N TYR A 96 -9.12 -19.55 6.90
CA TYR A 96 -10.26 -18.64 7.01
C TYR A 96 -11.02 -18.55 5.70
N LYS A 97 -12.36 -18.61 5.80
CA LYS A 97 -13.22 -18.22 4.68
C LYS A 97 -13.03 -16.66 4.53
N VAL A 98 -12.87 -16.15 3.33
CA VAL A 98 -12.65 -14.72 3.06
C VAL A 98 -13.76 -14.30 2.11
N ILE A 99 -14.42 -13.17 2.39
CA ILE A 99 -15.39 -12.67 1.39
C ILE A 99 -14.92 -11.27 0.99
N ILE A 100 -14.76 -10.98 -0.31
CA ILE A 100 -14.34 -9.63 -0.70
C ILE A 100 -15.46 -9.08 -1.58
N THR A 101 -15.88 -7.84 -1.31
CA THR A 101 -16.92 -7.24 -2.13
C THR A 101 -16.27 -6.21 -3.09
N MET A 102 -16.87 -6.01 -4.28
CA MET A 102 -16.30 -5.05 -5.23
C MET A 102 -17.35 -4.90 -6.30
N PRO A 103 -17.33 -3.77 -7.00
CA PRO A 103 -18.35 -3.58 -8.07
C PRO A 103 -18.29 -4.61 -9.22
N GLU A 104 -19.44 -4.82 -9.88
CA GLU A 104 -19.65 -5.80 -11.00
C GLU A 104 -18.78 -5.49 -12.19
N SER A 105 -18.39 -4.22 -12.27
CA SER A 105 -17.70 -3.62 -13.43
C SER A 105 -16.21 -3.88 -13.41
N MET A 106 -15.69 -4.42 -12.34
CA MET A 106 -14.24 -4.68 -12.21
C MET A 106 -13.73 -5.75 -13.22
N SER A 107 -12.44 -5.61 -13.59
CA SER A 107 -11.80 -6.42 -14.62
C SER A 107 -11.78 -7.88 -14.22
N LEU A 108 -11.69 -8.77 -15.21
CA LEU A 108 -11.72 -10.16 -14.94
C LEU A 108 -10.49 -10.48 -14.05
N GLU A 109 -9.38 -9.80 -14.28
CA GLU A 109 -8.14 -10.07 -13.53
C GLU A 109 -8.37 -9.91 -12.02
N ARG A 110 -9.12 -8.86 -11.62
CA ARG A 110 -9.27 -8.57 -10.15
C ARG A 110 -10.12 -9.66 -9.55
N ARG A 111 -11.19 -10.06 -10.26
CA ARG A 111 -12.06 -11.07 -9.71
C ARG A 111 -11.35 -12.37 -9.74
N CYS A 112 -10.67 -12.65 -10.86
CA CYS A 112 -10.09 -13.97 -10.97
C CYS A 112 -8.92 -14.22 -9.99
N LEU A 113 -8.10 -13.21 -9.73
CA LEU A 113 -6.98 -13.39 -8.81
C LEU A 113 -7.52 -13.78 -7.41
N LEU A 114 -8.62 -13.18 -6.99
CA LEU A 114 -9.14 -13.55 -5.69
C LEU A 114 -9.71 -14.98 -5.70
N ARG A 115 -10.34 -15.42 -6.76
CA ARG A 115 -10.93 -16.76 -6.72
C ARG A 115 -9.87 -17.82 -6.81
N ILE A 116 -8.74 -17.50 -7.43
CA ILE A 116 -7.62 -18.45 -7.32
C ILE A 116 -7.31 -18.85 -5.91
N PHE A 117 -7.41 -17.92 -4.96
CA PHE A 117 -7.05 -18.22 -3.62
C PHE A 117 -8.30 -18.67 -2.81
N GLY A 118 -9.39 -18.84 -3.54
CA GLY A 118 -10.67 -19.47 -3.06
C GLY A 118 -11.47 -18.49 -2.23
N ALA A 119 -11.22 -17.19 -2.42
CA ALA A 119 -12.06 -16.21 -1.69
C ALA A 119 -13.43 -16.21 -2.36
N GLU A 120 -14.43 -15.87 -1.61
CA GLU A 120 -15.74 -15.63 -2.20
C GLU A 120 -15.75 -14.14 -2.68
N VAL A 121 -16.11 -13.86 -3.92
CA VAL A 121 -16.18 -12.47 -4.37
C VAL A 121 -17.65 -12.13 -4.60
N ILE A 122 -18.13 -11.10 -3.94
CA ILE A 122 -19.51 -10.69 -4.09
C ILE A 122 -19.50 -9.44 -4.88
N LEU A 123 -20.17 -9.47 -6.02
CA LEU A 123 -20.11 -8.36 -6.93
C LEU A 123 -21.31 -7.40 -6.65
N THR A 124 -21.07 -6.09 -6.52
CA THR A 124 -22.18 -5.17 -6.18
C THR A 124 -22.50 -4.39 -7.45
N PRO A 125 -23.68 -3.74 -7.49
CA PRO A 125 -24.12 -3.14 -8.78
C PRO A 125 -23.18 -2.08 -9.26
N ALA A 126 -22.82 -2.11 -10.55
CA ALA A 126 -21.84 -1.13 -11.05
C ALA A 126 -22.14 0.35 -10.77
N ALA A 127 -23.41 0.70 -10.94
CA ALA A 127 -23.85 2.09 -10.74
C ALA A 127 -23.60 2.63 -9.32
N LEU A 128 -23.53 1.72 -8.33
CA LEU A 128 -23.25 2.13 -6.95
C LEU A 128 -21.78 2.25 -6.63
N GLY A 129 -20.88 1.82 -7.56
CA GLY A 129 -19.50 2.09 -7.31
C GLY A 129 -19.00 1.45 -5.98
N MET A 130 -17.86 1.93 -5.56
CA MET A 130 -17.20 1.44 -4.34
C MET A 130 -18.13 1.63 -3.12
N LYS A 131 -18.93 2.71 -3.09
CA LYS A 131 -19.95 2.87 -1.97
C LYS A 131 -20.81 1.65 -1.81
N GLY A 132 -21.25 1.06 -2.96
CA GLY A 132 -22.13 -0.14 -2.90
C GLY A 132 -21.40 -1.39 -2.37
N ALA A 133 -20.12 -1.48 -2.70
CA ALA A 133 -19.33 -2.62 -2.22
C ALA A 133 -19.06 -2.43 -0.69
N VAL A 134 -18.78 -1.22 -0.25
CA VAL A 134 -18.62 -0.95 1.16
C VAL A 134 -19.91 -1.31 1.92
N ALA A 135 -21.06 -0.93 1.37
CA ALA A 135 -22.28 -1.14 2.12
C ALA A 135 -22.55 -2.63 2.21
N MET A 136 -22.29 -3.37 1.13
CA MET A 136 -22.49 -4.79 1.18
C MET A 136 -21.57 -5.44 2.20
N ALA A 137 -20.32 -4.99 2.32
CA ALA A 137 -19.45 -5.66 3.29
C ALA A 137 -19.98 -5.36 4.71
N LYS A 138 -20.43 -4.14 4.95
CA LYS A 138 -20.95 -3.82 6.30
C LYS A 138 -22.18 -4.64 6.67
N LYS A 139 -23.04 -4.92 5.69
CA LYS A 139 -24.25 -5.63 5.97
C LYS A 139 -23.93 -7.05 6.22
N ILE A 140 -23.01 -7.61 5.44
CA ILE A 140 -22.64 -9.00 5.69
C ILE A 140 -22.10 -9.19 7.10
N VAL A 141 -21.27 -8.25 7.55
CA VAL A 141 -20.63 -8.41 8.87
C VAL A 141 -21.71 -8.15 9.93
N ALA A 142 -22.61 -7.18 9.65
CA ALA A 142 -23.63 -6.82 10.69
C ALA A 142 -24.55 -8.04 10.92
N ALA A 143 -24.86 -8.75 9.84
CA ALA A 143 -25.86 -9.83 9.93
C ALA A 143 -25.34 -11.17 10.55
N ASN A 144 -24.03 -11.42 10.42
CA ASN A 144 -23.46 -12.69 10.81
C ASN A 144 -22.50 -12.56 11.93
N PRO A 145 -22.80 -13.19 13.07
CA PRO A 145 -21.87 -13.09 14.19
C PRO A 145 -20.43 -13.53 13.89
N ASN A 146 -20.28 -14.49 12.99
CA ASN A 146 -18.92 -15.02 12.73
C ASN A 146 -18.14 -14.17 11.71
N ALA A 147 -18.85 -13.34 10.99
CA ALA A 147 -18.27 -12.41 9.97
C ALA A 147 -17.73 -11.16 10.54
N VAL A 148 -16.44 -10.88 10.30
CA VAL A 148 -15.90 -9.68 10.79
C VAL A 148 -15.16 -8.89 9.71
N LEU A 149 -15.17 -7.58 9.91
CA LEU A 149 -14.54 -6.69 8.90
C LEU A 149 -13.03 -6.62 9.14
N ALA A 150 -12.27 -6.80 8.07
CA ALA A 150 -10.82 -6.53 8.13
C ALA A 150 -10.53 -5.13 8.64
N ASP A 151 -11.36 -4.18 8.19
CA ASP A 151 -11.41 -2.77 8.69
C ASP A 151 -10.06 -2.05 8.38
N GLN A 152 -9.56 -2.18 7.13
CA GLN A 152 -8.25 -1.72 6.79
C GLN A 152 -8.06 -0.22 7.09
N PHE A 153 -9.16 0.53 7.15
CA PHE A 153 -8.98 1.98 7.26
C PHE A 153 -8.96 2.45 8.71
N ALA A 154 -9.15 1.51 9.65
CA ALA A 154 -9.24 1.93 11.09
C ALA A 154 -8.51 1.02 11.98
N THR A 155 -8.14 -0.18 11.52
CA THR A 155 -7.57 -1.19 12.40
C THR A 155 -6.28 -0.73 13.06
N LYS A 156 -6.13 -0.94 14.37
CA LYS A 156 -4.88 -0.53 15.01
C LYS A 156 -3.73 -1.37 14.51
N TYR A 157 -4.00 -2.50 13.87
CA TYR A 157 -2.87 -3.37 13.43
C TYR A 157 -2.02 -2.75 12.30
N ASN A 158 -2.59 -1.77 11.61
CA ASN A 158 -2.05 -1.35 10.32
C ASN A 158 -0.84 -0.46 10.55
N ALA A 159 -1.01 0.66 11.21
CA ALA A 159 0.18 1.47 11.56
C ALA A 159 1.15 0.66 12.37
N LEU A 160 0.62 -0.25 13.23
CA LEU A 160 1.54 -0.99 14.17
C LEU A 160 2.53 -1.85 13.41
N ILE A 161 2.04 -2.60 12.42
CA ILE A 161 2.99 -3.46 11.63
C ILE A 161 4.11 -2.64 10.97
N HIS A 162 3.75 -1.46 10.44
CA HIS A 162 4.76 -0.59 9.83
C HIS A 162 5.74 -0.04 10.84
N GLU A 163 5.27 0.22 12.02
CA GLU A 163 6.16 0.71 13.15
C GLU A 163 7.12 -0.41 13.59
N GLU A 164 6.64 -1.66 13.53
CA GLU A 164 7.43 -2.77 14.06
C GLU A 164 8.35 -3.32 12.98
N THR A 165 8.04 -3.11 11.70
CA THR A 165 8.84 -3.78 10.63
C THR A 165 9.37 -2.83 9.56
N THR A 166 8.46 -2.26 8.74
CA THR A 166 8.85 -1.38 7.64
C THR A 166 9.79 -0.28 8.13
N GLY A 167 9.45 0.36 9.27
CA GLY A 167 10.19 1.54 9.70
C GLY A 167 11.61 1.13 10.23
N PRO A 168 11.71 0.13 11.12
CA PRO A 168 13.05 -0.37 11.56
C PRO A 168 13.89 -0.95 10.39
N GLU A 169 13.27 -1.58 9.38
CA GLU A 169 14.07 -2.02 8.17
C GLU A 169 14.69 -0.80 7.48
N ILE A 170 13.88 0.22 7.28
CA ILE A 170 14.35 1.41 6.60
C ILE A 170 15.53 1.98 7.40
N TRP A 171 15.31 2.08 8.70
CA TRP A 171 16.35 2.66 9.60
C TRP A 171 17.69 1.89 9.44
N GLU A 172 17.67 0.54 9.49
CA GLU A 172 18.90 -0.25 9.33
C GLU A 172 19.49 -0.08 7.90
N GLN A 173 18.62 -0.19 6.91
CA GLN A 173 19.13 -0.10 5.54
C GLN A 173 19.83 1.21 5.19
N THR A 174 19.25 2.30 5.67
CA THR A 174 19.86 3.66 5.39
C THR A 174 20.96 4.01 6.43
N ASN A 175 21.33 3.11 7.31
CA ASN A 175 22.37 3.32 8.34
C ASN A 175 21.98 4.53 9.20
N HIS A 176 20.71 4.59 9.58
CA HIS A 176 20.20 5.55 10.60
C HIS A 176 20.31 6.91 10.06
N ASN A 177 19.99 7.06 8.77
CA ASN A 177 20.14 8.32 8.11
C ASN A 177 18.98 8.57 7.18
N VAL A 178 17.94 9.26 7.67
CA VAL A 178 16.75 9.59 6.86
C VAL A 178 16.42 11.09 7.10
N ASP A 179 16.42 11.87 6.03
CA ASP A 179 16.09 13.28 6.15
C ASP A 179 14.66 13.55 5.71
N CYS A 180 14.05 12.65 4.95
CA CYS A 180 12.65 12.86 4.56
C CYS A 180 12.09 11.46 4.21
N PHE A 181 10.87 11.15 4.64
CA PHE A 181 10.18 9.93 4.31
C PHE A 181 8.87 10.38 3.61
N ILE A 182 8.61 9.87 2.42
CA ILE A 182 7.48 10.32 1.61
C ILE A 182 6.65 9.07 1.31
N ALA A 183 5.30 9.09 1.50
CA ALA A 183 4.49 7.98 1.05
C ALA A 183 3.09 8.45 0.70
N GLY A 184 2.56 7.96 -0.41
CA GLY A 184 1.14 8.08 -0.66
C GLY A 184 0.28 7.41 0.38
N VAL A 185 -0.76 8.11 0.81
CA VAL A 185 -1.69 7.61 1.83
C VAL A 185 -2.87 6.94 1.25
N GLY A 186 -2.99 5.62 1.45
CA GLY A 186 -4.21 4.90 1.11
C GLY A 186 -5.00 4.76 2.40
N THR A 187 -4.66 3.76 3.18
CA THR A 187 -5.12 3.66 4.56
C THR A 187 -4.33 4.56 5.52
N GLY A 188 -3.14 5.06 5.09
CA GLY A 188 -2.22 5.82 5.97
C GLY A 188 -1.32 4.97 6.85
N GLY A 189 -1.51 3.66 6.81
CA GLY A 189 -0.65 2.80 7.69
C GLY A 189 0.86 2.98 7.44
N THR A 190 1.32 2.92 6.16
CA THR A 190 2.75 2.93 5.86
C THR A 190 3.28 4.26 6.43
N LEU A 191 2.69 5.38 6.03
CA LEU A 191 3.27 6.70 6.51
C LEU A 191 3.28 6.79 8.05
N THR A 192 2.18 6.33 8.67
CA THR A 192 1.98 6.58 10.14
C THR A 192 3.00 5.69 10.90
N GLY A 193 3.05 4.38 10.53
CA GLY A 193 3.91 3.46 11.26
C GLY A 193 5.37 3.82 11.05
N VAL A 194 5.77 4.11 9.81
CA VAL A 194 7.17 4.45 9.58
C VAL A 194 7.48 5.75 10.27
N ALA A 195 6.55 6.71 10.24
CA ALA A 195 6.87 8.00 10.90
C ALA A 195 7.06 7.74 12.44
N ARG A 196 6.21 6.86 13.04
CA ARG A 196 6.36 6.56 14.46
C ARG A 196 7.71 5.95 14.76
N ALA A 197 8.16 4.96 13.96
CA ALA A 197 9.43 4.32 14.22
C ALA A 197 10.59 5.33 14.08
N LEU A 198 10.55 6.16 13.03
CA LEU A 198 11.60 7.06 12.81
C LEU A 198 11.72 8.05 13.98
N LYS A 199 10.61 8.47 14.54
CA LYS A 199 10.65 9.45 15.61
C LYS A 199 11.16 8.79 16.85
N LYS A 200 10.75 7.54 17.09
CA LYS A 200 11.27 6.77 18.29
C LYS A 200 12.76 6.60 18.20
N MET A 201 13.33 6.47 16.98
CA MET A 201 14.77 6.34 16.80
C MET A 201 15.53 7.65 16.87
N GLY A 202 14.83 8.76 17.00
CA GLY A 202 15.47 10.05 17.17
C GLY A 202 15.63 10.74 15.86
N SER A 203 14.99 10.21 14.81
CA SER A 203 15.23 10.86 13.49
C SER A 203 14.40 12.15 13.39
N HIS A 204 15.01 13.17 12.81
CA HIS A 204 14.32 14.37 12.51
C HIS A 204 13.74 14.39 11.12
N ALA A 205 13.64 13.23 10.48
CA ALA A 205 13.03 13.25 9.15
C ALA A 205 11.73 14.01 9.04
N ARG A 206 11.61 14.73 7.93
CA ARG A 206 10.35 15.37 7.54
C ARG A 206 9.46 14.31 6.95
N ILE A 207 8.21 14.28 7.36
CA ILE A 207 7.28 13.25 6.95
C ILE A 207 6.29 13.82 5.92
N VAL A 208 6.27 13.26 4.72
CA VAL A 208 5.43 13.88 3.66
C VAL A 208 4.40 12.88 3.19
N ALA A 209 3.14 13.25 3.23
CA ALA A 209 2.06 12.46 2.75
C ALA A 209 1.74 12.84 1.34
N VAL A 210 1.61 11.85 0.46
CA VAL A 210 1.14 12.18 -0.93
C VAL A 210 -0.27 11.87 -1.15
N GLU A 211 -0.99 12.73 -1.94
CA GLU A 211 -2.36 12.43 -2.32
C GLU A 211 -2.52 12.89 -3.72
N PRO A 212 -3.60 12.42 -4.43
CA PRO A 212 -3.82 12.83 -5.83
C PRO A 212 -4.33 14.23 -5.86
N THR A 213 -3.80 15.00 -6.82
CA THR A 213 -4.31 16.36 -7.03
C THR A 213 -5.81 16.34 -7.31
N GLU A 214 -6.28 15.28 -7.93
CA GLU A 214 -7.72 15.22 -8.34
C GLU A 214 -8.64 14.79 -7.16
N SER A 215 -8.08 14.42 -6.01
CA SER A 215 -8.86 14.07 -4.81
C SER A 215 -8.10 14.51 -3.52
N PRO A 216 -7.89 15.85 -3.37
CA PRO A 216 -6.97 16.45 -2.45
C PRO A 216 -7.63 16.64 -1.08
N VAL A 217 -7.99 15.51 -0.44
CA VAL A 217 -8.76 15.52 0.80
C VAL A 217 -7.98 15.98 2.01
N LEU A 218 -6.74 15.49 2.14
CA LEU A 218 -5.89 15.88 3.25
C LEU A 218 -5.61 17.36 3.13
N SER A 219 -5.52 17.83 1.89
CA SER A 219 -5.22 19.28 1.64
C SER A 219 -6.43 20.20 1.87
N GLY A 220 -7.60 19.63 2.11
CA GLY A 220 -8.74 20.43 2.46
C GLY A 220 -9.70 20.54 1.31
N GLY A 221 -9.45 19.81 0.23
CA GLY A 221 -10.35 19.90 -0.91
C GLY A 221 -11.39 18.83 -0.96
N LYS A 222 -12.09 18.71 -2.10
CA LYS A 222 -13.17 17.74 -2.27
C LYS A 222 -12.75 16.37 -2.84
N PRO A 223 -13.36 15.30 -2.36
CA PRO A 223 -13.00 14.00 -2.92
C PRO A 223 -13.45 13.89 -4.36
N GLY A 224 -12.72 13.11 -5.14
CA GLY A 224 -13.24 12.87 -6.47
C GLY A 224 -12.54 11.67 -7.03
N PRO A 225 -13.04 11.19 -8.18
CA PRO A 225 -12.47 9.99 -8.85
C PRO A 225 -11.05 10.37 -9.31
N HIS A 226 -10.09 9.45 -9.22
CA HIS A 226 -8.74 9.77 -9.72
C HIS A 226 -8.12 8.47 -10.18
N LYS A 227 -6.91 8.55 -10.78
CA LYS A 227 -6.26 7.43 -11.41
C LYS A 227 -5.29 6.66 -10.54
N ILE A 228 -4.92 7.24 -9.40
CA ILE A 228 -3.75 6.74 -8.68
C ILE A 228 -4.13 5.55 -7.77
N GLN A 229 -4.22 4.38 -8.38
CA GLN A 229 -4.72 3.24 -7.67
C GLN A 229 -3.88 2.97 -6.44
N GLY A 230 -4.55 2.65 -5.33
CA GLY A 230 -3.80 2.30 -4.09
C GLY A 230 -3.85 3.47 -3.08
N ILE A 231 -4.04 4.73 -3.53
CA ILE A 231 -4.08 5.85 -2.59
C ILE A 231 -5.34 6.66 -2.80
N GLY A 232 -5.56 7.66 -1.98
CA GLY A 232 -6.65 8.64 -2.19
C GLY A 232 -8.06 8.04 -2.00
N PRO A 233 -8.38 7.61 -0.77
CA PRO A 233 -9.72 7.01 -0.53
C PRO A 233 -10.90 8.03 -0.56
N GLY A 234 -10.58 9.30 -0.44
CA GLY A 234 -11.65 10.31 -0.53
C GLY A 234 -12.26 10.57 0.83
N PHE A 235 -11.52 10.21 1.90
CA PHE A 235 -11.84 10.61 3.29
C PHE A 235 -10.53 10.46 4.02
N VAL A 236 -10.46 10.91 5.25
CA VAL A 236 -9.24 10.78 6.03
C VAL A 236 -9.37 9.52 6.88
N PRO A 237 -8.54 8.52 6.61
CA PRO A 237 -8.72 7.25 7.30
C PRO A 237 -8.34 7.38 8.78
N ASP A 238 -9.06 6.69 9.66
CA ASP A 238 -8.69 6.69 11.07
C ASP A 238 -7.31 6.20 11.35
N VAL A 239 -6.76 5.34 10.50
CA VAL A 239 -5.39 4.89 10.72
C VAL A 239 -4.42 6.04 10.66
N LEU A 240 -4.70 6.98 9.79
CA LEU A 240 -3.70 8.05 9.55
C LEU A 240 -3.59 8.99 10.75
N ASP A 241 -2.40 9.09 11.32
CA ASP A 241 -2.20 10.09 12.37
C ASP A 241 -1.62 11.42 11.79
N ARG A 242 -2.50 12.40 11.52
CA ARG A 242 -2.09 13.59 10.80
C ARG A 242 -1.10 14.38 11.62
N SER A 243 -1.03 14.14 12.95
CA SER A 243 -0.14 14.95 13.79
C SER A 243 1.33 14.71 13.45
N LEU A 244 1.62 13.62 12.73
CA LEU A 244 2.97 13.27 12.42
C LEU A 244 3.44 13.88 11.04
N ILE A 245 2.53 14.49 10.31
CA ILE A 245 2.82 14.86 8.90
C ILE A 245 3.38 16.31 8.88
N ASP A 246 4.52 16.48 8.24
CA ASP A 246 5.10 17.82 8.03
C ASP A 246 4.60 18.52 6.76
N GLU A 247 4.19 17.75 5.77
CA GLU A 247 3.74 18.34 4.51
C GLU A 247 2.88 17.35 3.80
N VAL A 248 1.79 17.84 3.21
CA VAL A 248 0.97 17.07 2.26
C VAL A 248 1.28 17.58 0.87
N LEU A 249 1.69 16.70 -0.01
CA LEU A 249 2.11 17.11 -1.39
C LEU A 249 1.15 16.45 -2.36
N CYS A 250 0.49 17.24 -3.21
CA CYS A 250 -0.39 16.63 -4.21
C CYS A 250 0.43 16.26 -5.43
N VAL A 251 0.11 15.09 -5.97
CA VAL A 251 0.67 14.65 -7.26
C VAL A 251 -0.48 14.36 -8.23
N ALA A 252 -0.36 14.88 -9.46
CA ALA A 252 -1.42 14.67 -10.43
C ALA A 252 -1.33 13.21 -10.97
N GLY A 253 -2.47 12.56 -11.20
CA GLY A 253 -2.47 11.21 -11.80
C GLY A 253 -1.60 11.13 -13.05
N ASP A 254 -1.65 12.13 -13.92
CA ASP A 254 -0.77 12.01 -15.09
C ASP A 254 0.73 12.11 -14.83
N ASP A 255 1.17 12.83 -13.81
CA ASP A 255 2.60 12.81 -13.42
C ASP A 255 2.96 11.43 -12.87
N ALA A 256 2.03 10.83 -12.13
CA ALA A 256 2.29 9.44 -11.61
C ALA A 256 2.47 8.41 -12.73
N ILE A 257 1.58 8.49 -13.72
CA ILE A 257 1.63 7.62 -14.85
C ILE A 257 2.91 7.82 -15.69
N GLU A 258 3.23 9.06 -16.03
CA GLU A 258 4.53 9.37 -16.70
C GLU A 258 5.75 8.87 -15.96
N THR A 259 5.76 8.98 -14.64
CA THR A 259 6.91 8.65 -13.85
C THR A 259 7.05 7.12 -13.81
N ALA A 260 5.94 6.43 -13.63
CA ALA A 260 5.97 4.93 -13.70
C ALA A 260 6.61 4.42 -14.98
N LEU A 261 6.19 4.98 -16.12
CA LEU A 261 6.72 4.58 -17.46
C LEU A 261 8.23 4.90 -17.55
N LYS A 262 8.64 6.04 -16.99
CA LYS A 262 10.02 6.43 -17.11
C LYS A 262 10.91 5.52 -16.24
N LEU A 263 10.37 5.16 -15.04
CA LEU A 263 11.12 4.34 -14.03
C LEU A 263 11.54 2.98 -14.55
N THR A 264 10.71 2.37 -15.39
CA THR A 264 11.00 1.03 -15.92
C THR A 264 12.21 1.09 -16.81
N ARG A 265 12.24 2.13 -17.67
CA ARG A 265 13.29 2.25 -18.61
C ARG A 265 14.52 2.82 -18.02
N SER A 266 14.41 3.73 -17.06
CA SER A 266 15.57 4.34 -16.43
C SER A 266 16.28 3.43 -15.44
N ASP A 267 15.53 2.78 -14.57
CA ASP A 267 16.12 2.12 -13.39
C ASP A 267 15.64 0.67 -13.26
N GLY A 268 14.72 0.26 -14.13
CA GLY A 268 14.31 -1.10 -14.15
C GLY A 268 13.26 -1.36 -13.07
N VAL A 269 12.74 -0.31 -12.49
CA VAL A 269 11.73 -0.48 -11.40
C VAL A 269 10.38 -0.53 -12.09
N PHE A 270 9.61 -1.62 -11.86
CA PHE A 270 8.32 -1.80 -12.58
C PHE A 270 7.20 -1.86 -11.57
N CYS A 271 6.44 -0.77 -11.53
CA CYS A 271 5.44 -0.60 -10.48
C CYS A 271 4.15 -0.05 -10.95
N GLY A 272 3.23 0.15 -10.01
CA GLY A 272 1.89 0.73 -10.30
C GLY A 272 1.89 2.25 -10.31
N PHE A 273 0.67 2.80 -10.32
CA PHE A 273 0.51 4.28 -10.36
C PHE A 273 1.12 4.88 -9.10
N SER A 274 0.89 4.30 -7.94
CA SER A 274 1.31 4.91 -6.75
C SER A 274 2.86 4.95 -6.48
N GLY A 275 3.57 3.97 -6.99
CA GLY A 275 5.02 4.05 -6.97
C GLY A 275 5.45 5.17 -7.94
N GLY A 276 4.75 5.38 -9.05
CA GLY A 276 5.07 6.58 -9.91
C GLY A 276 4.81 7.87 -9.15
N ALA A 277 3.73 7.91 -8.36
CA ALA A 277 3.41 9.20 -7.71
C ALA A 277 4.46 9.41 -6.62
N ASN A 278 4.80 8.33 -5.89
CA ASN A 278 5.78 8.49 -4.80
C ASN A 278 7.14 8.97 -5.34
N VAL A 279 7.55 8.39 -6.47
CA VAL A 279 8.88 8.75 -7.04
C VAL A 279 8.80 10.22 -7.59
N TYR A 280 7.69 10.60 -8.20
CA TYR A 280 7.52 11.98 -8.70
C TYR A 280 7.67 12.92 -7.51
N ALA A 281 7.06 12.61 -6.39
CA ALA A 281 7.11 13.44 -5.25
C ALA A 281 8.48 13.46 -4.67
N ALA A 282 9.17 12.29 -4.65
CA ALA A 282 10.53 12.26 -4.10
C ALA A 282 11.49 13.13 -4.91
N LEU A 283 11.31 13.09 -6.22
CA LEU A 283 12.18 13.88 -7.14
C LEU A 283 11.88 15.33 -7.01
N LYS A 284 10.60 15.67 -6.80
CA LYS A 284 10.26 17.07 -6.53
C LYS A 284 10.94 17.62 -5.28
N ILE A 285 10.89 16.87 -4.20
CA ILE A 285 11.56 17.24 -2.95
C ILE A 285 13.04 17.30 -3.14
N ALA A 286 13.58 16.35 -3.93
CA ALA A 286 15.00 16.24 -4.09
C ALA A 286 15.55 17.46 -4.84
N GLU A 287 14.76 18.08 -5.71
CA GLU A 287 15.10 19.39 -6.40
C GLU A 287 15.19 20.60 -5.49
N ARG A 288 14.65 20.54 -4.28
CA ARG A 288 14.62 21.70 -3.40
C ARG A 288 16.04 21.93 -2.97
N PRO A 289 16.51 23.18 -3.08
CA PRO A 289 17.94 23.34 -2.74
C PRO A 289 18.34 22.88 -1.34
N GLU A 290 17.45 22.99 -0.34
CA GLU A 290 17.81 22.57 1.05
C GLU A 290 18.11 21.05 1.15
N MET A 291 17.76 20.31 0.09
CA MET A 291 17.86 18.87 0.18
C MET A 291 19.13 18.41 -0.42
N GLU A 292 19.97 19.37 -0.80
CA GLU A 292 21.24 18.96 -1.36
C GLU A 292 21.99 18.07 -0.39
N GLY A 293 22.41 16.90 -0.85
CA GLY A 293 23.23 15.98 -0.04
C GLY A 293 22.43 15.20 1.03
N LYS A 294 21.12 15.40 1.06
CA LYS A 294 20.26 14.74 2.05
C LYS A 294 19.76 13.35 1.49
N THR A 295 19.18 12.54 2.35
CA THR A 295 18.64 11.22 1.92
C THR A 295 17.15 11.26 2.04
N ILE A 296 16.47 11.01 0.92
CA ILE A 296 15.04 11.01 0.88
C ILE A 296 14.67 9.53 0.73
N VAL A 297 13.74 9.01 1.53
CA VAL A 297 13.25 7.58 1.34
C VAL A 297 11.77 7.63 0.90
N THR A 298 11.38 6.83 -0.09
CA THR A 298 9.98 6.66 -0.38
C THR A 298 9.72 5.20 -0.61
N VAL A 299 8.54 4.90 -1.14
CA VAL A 299 8.12 3.51 -1.19
C VAL A 299 7.67 3.19 -2.63
N ILE A 300 8.03 1.98 -3.06
CA ILE A 300 7.42 1.40 -4.29
C ILE A 300 6.37 0.36 -3.79
N PRO A 301 5.10 0.76 -3.71
CA PRO A 301 4.16 -0.10 -3.02
C PRO A 301 3.81 -1.43 -3.66
N SER A 302 3.81 -1.51 -5.00
CA SER A 302 3.33 -2.75 -5.65
C SER A 302 3.99 -2.99 -6.98
N PHE A 303 4.10 -4.26 -7.35
CA PHE A 303 4.78 -4.58 -8.59
C PHE A 303 3.87 -4.27 -9.78
N GLY A 304 4.50 -3.93 -10.89
CA GLY A 304 3.78 -3.47 -12.09
C GLY A 304 2.95 -4.48 -12.78
N GLU A 305 3.21 -5.80 -12.65
CA GLU A 305 2.53 -6.72 -13.49
C GLU A 305 1.02 -6.73 -13.28
N ARG A 306 0.62 -6.45 -12.05
CA ARG A 306 -0.82 -6.29 -11.69
C ARG A 306 -1.56 -5.18 -12.46
N TYR A 307 -0.81 -4.28 -13.10
CA TYR A 307 -1.42 -3.11 -13.69
C TYR A 307 -1.37 -3.17 -15.21
N LEU A 308 -0.94 -4.28 -15.80
CA LEU A 308 -0.67 -4.35 -17.23
C LEU A 308 -1.94 -4.00 -18.01
N SER A 309 -3.09 -4.38 -17.47
CA SER A 309 -4.41 -4.01 -18.10
C SER A 309 -5.08 -2.63 -17.81
N THR A 310 -4.45 -1.80 -16.99
CA THR A 310 -5.01 -0.52 -16.56
C THR A 310 -4.64 0.71 -17.45
N THR A 311 -5.17 1.90 -17.15
CA THR A 311 -4.71 3.09 -17.86
C THR A 311 -3.17 3.26 -17.75
N LEU A 312 -2.55 2.70 -16.70
CA LEU A 312 -1.16 2.98 -16.50
C LEU A 312 -0.28 2.76 -17.72
N TYR A 313 -0.43 1.64 -18.40
CA TYR A 313 0.50 1.32 -19.45
C TYR A 313 -0.23 1.37 -20.80
N ARG A 314 -1.35 2.10 -20.86
CA ARG A 314 -2.12 2.21 -22.10
C ARG A 314 -1.30 2.81 -23.14
N SER A 315 -0.40 3.72 -22.80
CA SER A 315 0.38 4.33 -23.88
C SER A 315 1.26 3.33 -24.57
N VAL A 316 1.83 2.41 -23.80
CA VAL A 316 2.57 1.26 -24.36
C VAL A 316 1.61 0.29 -25.11
N ARG A 317 0.51 -0.12 -24.45
CA ARG A 317 -0.58 -0.94 -25.10
C ARG A 317 -0.96 -0.35 -26.44
N ASP A 318 -1.19 0.96 -26.48
CA ASP A 318 -1.66 1.54 -27.75
C ASP A 318 -0.53 1.39 -28.74
N GLU A 319 0.68 1.64 -28.26
CA GLU A 319 1.80 1.62 -29.16
C GLU A 319 2.00 0.25 -29.76
N VAL A 320 1.81 -0.79 -28.94
CA VAL A 320 1.99 -2.21 -29.34
C VAL A 320 1.02 -2.82 -30.38
N ASP B 1 -12.79 6.17 -9.18
CA ASP B 1 -12.06 6.34 -7.89
C ASP B 1 -11.62 4.95 -7.32
N TRP B 2 -11.76 4.80 -5.99
CA TRP B 2 -10.60 4.26 -5.28
C TRP B 2 -10.53 2.78 -5.26
N SER B 3 -9.27 2.34 -5.25
CA SER B 3 -9.01 0.96 -5.41
C SER B 3 -7.88 0.67 -4.43
N ILE B 4 -8.24 0.11 -3.28
CA ILE B 4 -7.24 0.00 -2.15
C ILE B 4 -7.43 -1.41 -1.49
C1 PEG C . 23.85 6.60 -5.56
O1 PEG C . 24.52 6.36 -4.26
C2 PEG C . 22.89 7.82 -5.51
O2 PEG C . 22.58 8.51 -6.77
C3 PEG C . 23.31 9.68 -7.18
C4 PEG C . 22.44 10.92 -7.10
O4 PEG C . 23.06 11.95 -6.30
CL CL D . 2.65 0.91 -6.99
#